data_9MT1
#
_entry.id   9MT1
#
_cell.length_a   58.222
_cell.length_b   34.152
_cell.length_c   105.071
_cell.angle_alpha   90.000
_cell.angle_beta   105.040
_cell.angle_gamma   90.000
#
_symmetry.space_group_name_H-M   'C 1 2 1'
#
loop_
_entity.id
_entity.type
_entity.pdbx_description
1 polymer 'Cytochrome c'
2 non-polymer 'HEME C'
3 non-polymer METHANOL
4 non-polymer ETHANOL
5 non-polymer 'SODIUM ION'
6 water water
#
_entity_poly.entity_id   1
_entity_poly.type   'polypeptide(L)'
_entity_poly.pdbx_seq_one_letter_code
;GVPAGDVEKGKKIFVQRCAQCHTVEAGGKHKVGPNLHGLFGRKTGQAAGFAYTDANKAKGITWNEDTLFEYLENPKKYIP
GTKMIFAGLKKPNERGDLIAYLKSATK
;
_entity_poly.pdbx_strand_id   A,B
#
loop_
_chem_comp.id
_chem_comp.type
_chem_comp.name
_chem_comp.formula
EOH non-polymer ETHANOL 'C2 H6 O'
HEC non-polymer 'HEME C' 'C34 H34 Fe N4 O4'
MOH non-polymer METHANOL 'C H4 O'
NA non-polymer 'SODIUM ION' 'Na 1'
#
# COMPACT_ATOMS: atom_id res chain seq x y z
N GLY A 1 23.85 -11.80 4.32
CA GLY A 1 23.23 -12.38 5.50
C GLY A 1 21.85 -11.82 5.85
N VAL A 2 20.83 -12.39 5.23
N VAL A 2 20.83 -12.34 5.19
CA VAL A 2 19.43 -11.98 5.45
CA VAL A 2 19.44 -11.97 5.49
C VAL A 2 18.65 -13.17 6.00
C VAL A 2 18.73 -13.16 6.11
N PRO A 3 17.66 -12.95 6.89
CA PRO A 3 16.89 -14.09 7.39
C PRO A 3 16.23 -14.83 6.24
N ALA A 4 16.07 -16.13 6.41
CA ALA A 4 15.32 -16.89 5.42
C ALA A 4 13.91 -16.32 5.34
N GLY A 5 13.41 -16.18 4.12
CA GLY A 5 12.14 -15.54 3.88
C GLY A 5 11.04 -16.49 3.42
N ASP A 6 9.82 -16.11 3.70
CA ASP A 6 8.62 -16.84 3.33
C ASP A 6 7.95 -16.09 2.17
N VAL A 7 7.95 -16.69 0.97
N VAL A 7 7.95 -16.72 0.98
CA VAL A 7 7.52 -15.96 -0.22
CA VAL A 7 7.51 -16.07 -0.25
C VAL A 7 6.03 -15.65 -0.18
C VAL A 7 6.05 -15.64 -0.15
N GLU A 8 5.21 -16.46 0.48
CA GLU A 8 3.79 -16.14 0.58
C GLU A 8 3.57 -14.92 1.45
N LYS A 9 4.22 -14.88 2.62
CA LYS A 9 4.13 -13.68 3.44
C LYS A 9 4.72 -12.48 2.72
N GLY A 10 5.79 -12.70 1.97
CA GLY A 10 6.42 -11.60 1.27
C GLY A 10 5.59 -11.07 0.12
N LYS A 11 4.81 -11.94 -0.54
CA LYS A 11 3.91 -11.48 -1.58
C LYS A 11 2.87 -10.51 -1.02
N LYS A 12 2.33 -10.83 0.16
CA LYS A 12 1.33 -9.98 0.80
C LYS A 12 1.94 -8.62 1.14
N ILE A 13 3.17 -8.60 1.67
CA ILE A 13 3.85 -7.33 1.92
C ILE A 13 4.00 -6.56 0.61
N PHE A 14 4.45 -7.24 -0.45
CA PHE A 14 4.66 -6.55 -1.72
C PHE A 14 3.39 -5.91 -2.22
N VAL A 15 2.30 -6.66 -2.27
CA VAL A 15 1.06 -6.10 -2.80
C VAL A 15 0.60 -4.92 -1.94
N GLN A 16 0.71 -5.04 -0.61
CA GLN A 16 0.17 -4.01 0.27
C GLN A 16 1.09 -2.79 0.42
N ARG A 17 2.39 -2.93 0.23
CA ARG A 17 3.31 -1.84 0.50
C ARG A 17 4.09 -1.35 -0.70
N CYS A 18 4.15 -2.12 -1.79
CA CYS A 18 5.02 -1.79 -2.90
C CYS A 18 4.29 -1.72 -4.23
N ALA A 19 3.28 -2.59 -4.47
CA ALA A 19 2.66 -2.67 -5.79
C ALA A 19 2.01 -1.37 -6.23
N GLN A 20 1.64 -0.50 -5.29
CA GLN A 20 1.13 0.82 -5.66
C GLN A 20 2.05 1.51 -6.66
N CYS A 21 3.35 1.30 -6.51
CA CYS A 21 4.35 2.00 -7.29
C CYS A 21 5.21 1.12 -8.19
N HIS A 22 5.09 -0.22 -8.09
CA HIS A 22 6.01 -1.14 -8.75
C HIS A 22 5.29 -2.36 -9.30
N THR A 23 5.70 -2.79 -10.48
CA THR A 23 5.40 -4.10 -11.02
C THR A 23 6.67 -4.96 -11.00
N VAL A 24 6.49 -6.27 -11.09
CA VAL A 24 7.59 -7.22 -11.04
C VAL A 24 7.74 -8.04 -12.31
N GLU A 25 6.70 -8.23 -13.11
CA GLU A 25 6.78 -9.18 -14.21
C GLU A 25 7.58 -8.62 -15.38
N ALA A 26 8.10 -9.52 -16.22
CA ALA A 26 8.74 -9.14 -17.46
C ALA A 26 7.79 -8.33 -18.33
N GLY A 27 8.26 -7.19 -18.81
CA GLY A 27 7.42 -6.31 -19.59
C GLY A 27 6.40 -5.53 -18.79
N GLY A 28 6.41 -5.66 -17.47
CA GLY A 28 5.47 -4.90 -16.65
C GLY A 28 5.77 -3.41 -16.72
N LYS A 29 4.72 -2.63 -16.53
CA LYS A 29 4.84 -1.19 -16.71
C LYS A 29 5.54 -0.53 -15.53
N HIS A 30 6.24 0.55 -15.84
CA HIS A 30 6.61 1.53 -14.84
C HIS A 30 5.37 2.21 -14.31
N LYS A 31 5.38 2.46 -13.01
CA LYS A 31 4.38 3.31 -12.37
C LYS A 31 5.09 4.55 -11.84
N VAL A 32 4.73 5.02 -10.63
CA VAL A 32 5.59 6.03 -9.99
C VAL A 32 7.01 5.50 -9.86
N GLY A 33 7.15 4.20 -9.60
CA GLY A 33 8.46 3.57 -9.55
C GLY A 33 8.71 2.63 -10.71
N PRO A 34 9.97 2.19 -10.86
CA PRO A 34 10.33 1.34 -12.00
C PRO A 34 9.83 -0.09 -11.85
N ASN A 35 9.53 -0.67 -13.00
CA ASN A 35 9.35 -2.12 -13.05
C ASN A 35 10.61 -2.81 -12.51
N LEU A 36 10.42 -3.91 -11.79
CA LEU A 36 11.49 -4.56 -11.06
C LEU A 36 11.93 -5.88 -11.69
N HIS A 37 11.48 -6.21 -12.90
CA HIS A 37 11.92 -7.46 -13.49
C HIS A 37 13.44 -7.44 -13.66
N GLY A 38 14.09 -8.55 -13.33
CA GLY A 38 15.54 -8.62 -13.43
C GLY A 38 16.28 -7.90 -12.32
N LEU A 39 15.59 -7.56 -11.23
CA LEU A 39 16.18 -6.75 -10.17
C LEU A 39 17.44 -7.36 -9.57
N PHE A 40 17.43 -8.66 -9.31
CA PHE A 40 18.55 -9.27 -8.62
C PHE A 40 19.74 -9.40 -9.56
N GLY A 41 20.83 -8.78 -9.17
CA GLY A 41 21.99 -8.64 -10.04
C GLY A 41 21.97 -7.40 -10.91
N ARG A 42 20.96 -6.57 -10.79
CA ARG A 42 20.82 -5.33 -11.56
C ARG A 42 21.46 -4.21 -10.75
N LYS A 43 22.34 -3.42 -11.37
CA LYS A 43 22.82 -2.21 -10.71
C LYS A 43 21.67 -1.21 -10.63
N THR A 44 21.81 -0.22 -9.75
CA THR A 44 20.76 0.79 -9.65
C THR A 44 20.59 1.50 -10.99
N GLY A 45 19.37 1.96 -11.23
CA GLY A 45 19.14 2.89 -12.32
C GLY A 45 19.06 2.28 -13.69
N GLN A 46 18.70 1.00 -13.82
CA GLN A 46 18.84 0.28 -15.08
C GLN A 46 17.55 -0.13 -15.77
N ALA A 47 16.38 0.04 -15.16
CA ALA A 47 15.17 -0.39 -15.83
C ALA A 47 14.98 0.45 -17.09
N ALA A 48 14.79 -0.23 -18.22
CA ALA A 48 14.69 0.46 -19.50
C ALA A 48 13.50 1.39 -19.50
N GLY A 49 13.74 2.66 -19.80
CA GLY A 49 12.67 3.61 -19.98
C GLY A 49 12.23 4.37 -18.75
N PHE A 50 12.81 4.11 -17.57
CA PHE A 50 12.41 4.80 -16.35
C PHE A 50 13.35 5.96 -16.08
N ALA A 51 12.78 7.08 -15.66
CA ALA A 51 13.57 8.28 -15.35
C ALA A 51 13.92 8.27 -13.87
N TYR A 52 15.16 7.91 -13.59
CA TYR A 52 15.67 7.82 -12.24
C TYR A 52 16.29 9.14 -11.78
N THR A 53 16.36 9.31 -10.46
CA THR A 53 17.16 10.40 -9.93
C THR A 53 18.65 10.11 -10.11
N ASP A 54 19.42 11.19 -10.22
CA ASP A 54 20.87 11.06 -10.20
C ASP A 54 21.33 10.37 -8.91
N ALA A 55 20.60 10.58 -7.80
CA ALA A 55 20.98 9.99 -6.53
C ALA A 55 20.92 8.47 -6.59
N ASN A 56 19.82 7.93 -7.13
CA ASN A 56 19.74 6.49 -7.32
C ASN A 56 20.87 5.99 -8.22
N LYS A 57 21.12 6.67 -9.33
CA LYS A 57 22.13 6.20 -10.28
C LYS A 57 23.52 6.25 -9.67
N ALA A 58 23.80 7.26 -8.86
CA ALA A 58 25.11 7.42 -8.27
C ALA A 58 25.39 6.47 -7.13
N LYS A 59 24.38 5.81 -6.56
CA LYS A 59 24.68 4.95 -5.42
C LYS A 59 25.69 3.87 -5.77
N GLY A 60 25.66 3.37 -7.00
CA GLY A 60 26.71 2.49 -7.45
C GLY A 60 26.72 1.15 -6.75
N ILE A 61 25.55 0.55 -6.56
CA ILE A 61 25.45 -0.77 -5.97
C ILE A 61 24.66 -1.70 -6.88
N THR A 62 24.80 -2.99 -6.62
CA THR A 62 24.00 -4.03 -7.28
C THR A 62 22.91 -4.51 -6.33
N TRP A 63 21.67 -4.46 -6.80
CA TRP A 63 20.56 -4.98 -6.00
C TRP A 63 20.68 -6.49 -5.87
N ASN A 64 20.57 -6.97 -4.64
CA ASN A 64 20.61 -8.37 -4.27
C ASN A 64 20.10 -8.42 -2.83
N GLU A 65 20.13 -9.60 -2.21
CA GLU A 65 19.50 -9.73 -0.88
C GLU A 65 20.01 -8.70 0.14
N ASP A 66 21.33 -8.59 0.28
CA ASP A 66 21.89 -7.75 1.33
C ASP A 66 21.59 -6.28 1.10
N THR A 67 21.76 -5.79 -0.13
CA THR A 67 21.54 -4.37 -0.35
C THR A 67 20.06 -4.02 -0.25
N LEU A 68 19.18 -4.90 -0.73
CA LEU A 68 17.76 -4.65 -0.53
C LEU A 68 17.40 -4.65 0.96
N PHE A 69 18.01 -5.54 1.75
CA PHE A 69 17.71 -5.62 3.16
C PHE A 69 18.00 -4.31 3.87
N GLU A 70 19.12 -3.67 3.52
CA GLU A 70 19.43 -2.38 4.13
C GLU A 70 18.57 -1.26 3.56
N TYR A 71 18.48 -1.19 2.25
CA TYR A 71 17.68 -0.15 1.60
C TYR A 71 16.26 -0.12 2.16
N LEU A 72 15.60 -1.29 2.23
CA LEU A 72 14.18 -1.30 2.56
C LEU A 72 13.92 -0.98 4.03
N GLU A 73 14.93 -1.04 4.90
CA GLU A 73 14.73 -0.58 6.27
C GLU A 73 14.46 0.93 6.31
N ASN A 74 15.10 1.69 5.43
CA ASN A 74 15.02 3.14 5.42
C ASN A 74 15.59 3.64 4.09
N PRO A 75 14.74 3.77 3.06
CA PRO A 75 15.27 4.09 1.73
C PRO A 75 16.05 5.39 1.67
N LYS A 76 15.56 6.43 2.32
CA LYS A 76 16.20 7.75 2.20
C LYS A 76 17.55 7.78 2.91
N LYS A 77 17.73 6.96 3.94
CA LYS A 77 19.04 6.86 4.59
C LYS A 77 20.05 6.22 3.65
N TYR A 78 19.60 5.23 2.87
CA TYR A 78 20.49 4.50 1.97
C TYR A 78 20.79 5.27 0.68
N ILE A 79 19.79 5.93 0.13
CA ILE A 79 19.97 6.75 -1.08
C ILE A 79 19.40 8.13 -0.79
N PRO A 80 20.14 9.00 -0.10
CA PRO A 80 19.61 10.33 0.20
C PRO A 80 19.19 11.04 -1.07
N GLY A 81 17.99 11.59 -1.05
CA GLY A 81 17.45 12.27 -2.20
C GLY A 81 16.62 11.39 -3.12
N THR A 82 16.53 10.08 -2.88
CA THR A 82 15.72 9.26 -3.77
C THR A 82 14.29 9.74 -3.78
N LYS A 83 13.65 9.55 -4.94
CA LYS A 83 12.27 9.92 -5.13
C LYS A 83 11.30 8.92 -4.54
N MET A 84 11.77 7.75 -4.14
CA MET A 84 10.89 6.76 -3.53
C MET A 84 10.43 7.27 -2.16
N ILE A 85 9.12 7.42 -2.00
N ILE A 85 9.14 7.45 -1.98
CA ILE A 85 8.49 7.82 -0.74
CA ILE A 85 8.59 7.86 -0.69
C ILE A 85 8.05 6.53 -0.05
C ILE A 85 8.05 6.60 -0.02
N PHE A 86 8.80 6.13 0.97
CA PHE A 86 8.48 4.92 1.72
C PHE A 86 9.32 4.95 2.99
N ALA A 87 8.67 5.00 4.14
CA ALA A 87 9.42 5.22 5.38
C ALA A 87 10.35 4.06 5.70
N GLY A 88 9.97 2.84 5.32
CA GLY A 88 10.77 1.67 5.58
C GLY A 88 10.02 0.54 6.28
N LEU A 89 10.52 -0.65 6.11
CA LEU A 89 10.03 -1.83 6.81
C LEU A 89 11.03 -2.12 7.91
N LYS A 90 10.65 -1.83 9.14
CA LYS A 90 11.62 -1.93 10.21
C LYS A 90 11.92 -3.37 10.60
N LYS A 91 10.94 -4.26 10.54
CA LYS A 91 11.11 -5.62 11.05
C LYS A 91 12.00 -6.44 10.13
N PRO A 92 13.06 -7.06 10.63
CA PRO A 92 13.92 -7.83 9.73
C PRO A 92 13.21 -8.96 9.04
N ASN A 93 12.22 -9.58 9.71
N ASN A 93 12.21 -9.59 9.64
CA ASN A 93 11.48 -10.71 9.16
CA ASN A 93 11.61 -10.72 8.94
C ASN A 93 10.61 -10.28 7.98
C ASN A 93 10.53 -10.31 7.95
N GLU A 94 9.98 -9.10 8.07
CA GLU A 94 9.19 -8.58 6.98
C GLU A 94 10.07 -8.29 5.78
N ARG A 95 11.25 -7.69 6.00
CA ARG A 95 12.18 -7.51 4.89
C ARG A 95 12.63 -8.85 4.31
N GLY A 96 12.93 -9.82 5.17
CA GLY A 96 13.34 -11.12 4.66
C GLY A 96 12.28 -11.79 3.81
N ASP A 97 11.04 -11.75 4.27
CA ASP A 97 9.96 -12.39 3.52
C ASP A 97 9.75 -11.67 2.19
N LEU A 98 9.71 -10.34 2.24
CA LEU A 98 9.56 -9.54 1.01
C LEU A 98 10.68 -9.84 0.02
N ILE A 99 11.92 -9.90 0.50
CA ILE A 99 13.05 -10.14 -0.40
C ILE A 99 12.96 -11.51 -1.06
N ALA A 100 12.58 -12.54 -0.31
CA ALA A 100 12.40 -13.85 -0.92
C ALA A 100 11.31 -13.79 -1.99
N TYR A 101 10.21 -13.10 -1.71
CA TYR A 101 9.18 -12.96 -2.75
C TYR A 101 9.75 -12.26 -3.98
N LEU A 102 10.47 -11.15 -3.78
CA LEU A 102 11.01 -10.44 -4.94
C LEU A 102 11.96 -11.31 -5.75
N LYS A 103 12.76 -12.13 -5.09
CA LYS A 103 13.70 -12.99 -5.79
C LYS A 103 12.94 -13.94 -6.71
N SER A 104 11.79 -14.44 -6.25
CA SER A 104 11.02 -15.39 -7.06
C SER A 104 10.26 -14.70 -8.17
N ALA A 105 9.71 -13.53 -7.90
CA ALA A 105 8.79 -12.91 -8.81
C ALA A 105 9.45 -12.04 -9.87
N THR A 106 10.73 -11.70 -9.71
CA THR A 106 11.42 -10.86 -10.68
C THR A 106 12.34 -11.63 -11.60
N LYS A 107 12.22 -12.95 -11.64
CA LYS A 107 13.06 -13.79 -12.50
CA LYS A 107 13.06 -13.79 -12.49
C LYS A 107 12.64 -13.70 -13.94
N GLY B 1 -23.54 11.92 -6.98
CA GLY B 1 -23.71 10.59 -7.54
C GLY B 1 -22.38 9.85 -7.52
N VAL B 2 -22.43 8.54 -7.75
CA VAL B 2 -21.23 7.70 -7.68
C VAL B 2 -21.25 6.77 -8.90
N PRO B 3 -20.16 6.70 -9.67
CA PRO B 3 -20.13 5.72 -10.76
C PRO B 3 -20.28 4.30 -10.23
N ALA B 4 -21.01 3.48 -10.99
CA ALA B 4 -20.99 2.04 -10.74
C ALA B 4 -19.54 1.58 -10.81
N GLY B 5 -19.22 0.55 -10.04
CA GLY B 5 -17.86 0.10 -9.92
C GLY B 5 -17.70 -1.37 -10.23
N ASP B 6 -16.46 -1.75 -10.49
CA ASP B 6 -16.10 -3.12 -10.77
C ASP B 6 -15.40 -3.66 -9.53
N VAL B 7 -15.97 -4.71 -8.94
CA VAL B 7 -15.46 -5.26 -7.69
C VAL B 7 -14.01 -5.74 -7.86
N GLU B 8 -13.67 -6.36 -9.00
CA GLU B 8 -12.33 -6.91 -9.12
C GLU B 8 -11.29 -5.81 -9.29
N LYS B 9 -11.59 -4.79 -10.08
CA LYS B 9 -10.70 -3.64 -10.11
C LYS B 9 -10.58 -2.98 -8.74
N GLY B 10 -11.69 -2.89 -7.99
CA GLY B 10 -11.64 -2.24 -6.70
C GLY B 10 -10.91 -3.05 -5.66
N LYS B 11 -10.93 -4.39 -5.79
N LYS B 11 -10.94 -4.38 -5.79
CA LYS B 11 -10.12 -5.22 -4.90
CA LYS B 11 -10.14 -5.24 -4.92
C LYS B 11 -8.64 -4.91 -5.06
C LYS B 11 -8.65 -4.91 -5.07
N LYS B 12 -8.19 -4.70 -6.31
CA LYS B 12 -6.79 -4.36 -6.55
C LYS B 12 -6.43 -3.02 -5.94
N ILE B 13 -7.30 -2.02 -6.07
CA ILE B 13 -7.04 -0.74 -5.41
C ILE B 13 -6.99 -0.93 -3.90
N PHE B 14 -7.95 -1.68 -3.34
CA PHE B 14 -7.96 -1.87 -1.88
C PHE B 14 -6.66 -2.51 -1.41
N VAL B 15 -6.25 -3.58 -2.07
CA VAL B 15 -5.05 -4.28 -1.62
C VAL B 15 -3.83 -3.37 -1.71
N GLN B 16 -3.72 -2.61 -2.81
CA GLN B 16 -2.53 -1.79 -3.06
C GLN B 16 -2.51 -0.48 -2.27
N ARG B 17 -3.68 0.07 -1.92
CA ARG B 17 -3.75 1.39 -1.30
C ARG B 17 -4.29 1.41 0.12
N CYS B 18 -4.97 0.37 0.57
CA CYS B 18 -5.69 0.43 1.85
C CYS B 18 -5.35 -0.72 2.78
N ALA B 19 -5.09 -1.91 2.24
CA ALA B 19 -4.93 -3.09 3.07
C ALA B 19 -3.72 -2.97 4.01
N GLN B 20 -2.72 -2.15 3.68
CA GLN B 20 -1.63 -1.89 4.61
C GLN B 20 -2.17 -1.58 6.01
N CYS B 21 -3.29 -0.86 6.09
CA CYS B 21 -3.82 -0.36 7.34
C CYS B 21 -5.18 -0.91 7.72
N HIS B 22 -5.85 -1.67 6.85
CA HIS B 22 -7.23 -2.09 7.07
C HIS B 22 -7.45 -3.53 6.61
N THR B 23 -8.23 -4.26 7.39
CA THR B 23 -8.85 -5.50 6.95
C THR B 23 -10.34 -5.27 6.73
N VAL B 24 -10.97 -6.20 6.00
CA VAL B 24 -12.38 -6.10 5.67
C VAL B 24 -13.22 -7.26 6.19
N GLU B 25 -12.63 -8.42 6.46
CA GLU B 25 -13.39 -9.61 6.85
C GLU B 25 -13.98 -9.47 8.25
N ALA B 26 -15.07 -10.20 8.49
CA ALA B 26 -15.63 -10.33 9.84
C ALA B 26 -14.61 -10.92 10.79
N GLY B 27 -14.44 -10.29 11.94
CA GLY B 27 -13.42 -10.72 12.88
C GLY B 27 -12.01 -10.35 12.47
N GLY B 28 -11.85 -9.63 11.36
CA GLY B 28 -10.52 -9.23 10.95
C GLY B 28 -9.88 -8.28 11.95
N LYS B 29 -8.56 -8.29 12.01
CA LYS B 29 -7.88 -7.52 13.03
C LYS B 29 -7.80 -6.03 12.65
N HIS B 30 -7.81 -5.20 13.68
CA HIS B 30 -7.36 -3.83 13.54
C HIS B 30 -5.85 -3.80 13.28
N LYS B 31 -5.43 -2.85 12.48
CA LYS B 31 -4.02 -2.63 12.20
C LYS B 31 -3.75 -1.18 12.60
N VAL B 32 -3.04 -0.41 11.78
CA VAL B 32 -2.97 1.03 12.06
C VAL B 32 -4.37 1.63 11.99
N GLY B 33 -5.23 1.10 11.10
CA GLY B 33 -6.60 1.54 10.99
C GLY B 33 -7.57 0.44 11.40
N PRO B 34 -8.83 0.80 11.58
CA PRO B 34 -9.82 -0.18 12.04
C PRO B 34 -10.20 -1.20 10.97
N ASN B 35 -10.56 -2.39 11.44
CA ASN B 35 -11.26 -3.34 10.59
C ASN B 35 -12.55 -2.70 10.08
N LEU B 36 -12.86 -2.96 8.82
CA LEU B 36 -13.96 -2.31 8.14
C LEU B 36 -15.19 -3.21 7.98
N HIS B 37 -15.23 -4.39 8.59
CA HIS B 37 -16.44 -5.20 8.45
C HIS B 37 -17.64 -4.47 9.03
N GLY B 38 -18.74 -4.48 8.28
CA GLY B 38 -19.96 -3.81 8.69
C GLY B 38 -19.96 -2.32 8.46
N LEU B 39 -19.07 -1.83 7.59
CA LEU B 39 -18.90 -0.39 7.43
C LEU B 39 -20.16 0.28 6.89
N PHE B 40 -20.81 -0.31 5.89
CA PHE B 40 -21.91 0.38 5.22
C PHE B 40 -23.14 0.45 6.11
N GLY B 41 -23.72 1.63 6.22
N GLY B 41 -23.71 1.63 6.24
CA GLY B 41 -24.92 1.84 7.00
CA GLY B 41 -24.92 1.82 7.01
C GLY B 41 -24.69 2.16 8.45
C GLY B 41 -24.69 2.20 8.45
N ARG B 42 -23.45 2.29 8.88
CA ARG B 42 -23.12 2.54 10.27
C ARG B 42 -22.39 3.87 10.37
N LYS B 43 -22.47 4.51 11.53
CA LYS B 43 -21.84 5.79 11.77
C LYS B 43 -20.32 5.65 11.87
N THR B 44 -19.65 6.80 11.77
CA THR B 44 -18.21 6.84 11.93
C THR B 44 -17.83 6.42 13.35
N GLY B 45 -16.62 5.87 13.47
CA GLY B 45 -16.03 5.67 14.78
C GLY B 45 -16.55 4.49 15.57
N GLN B 46 -17.12 3.46 14.92
CA GLN B 46 -17.85 2.41 15.65
C GLN B 46 -17.20 1.04 15.63
N ALA B 47 -16.11 0.84 14.93
CA ALA B 47 -15.49 -0.48 14.92
C ALA B 47 -15.15 -0.90 16.34
N ALA B 48 -15.58 -2.10 16.73
CA ALA B 48 -15.42 -2.57 18.11
C ALA B 48 -13.95 -2.67 18.49
N GLY B 49 -13.54 -1.90 19.50
CA GLY B 49 -12.22 -2.02 20.07
C GLY B 49 -11.16 -1.16 19.44
N PHE B 50 -11.47 -0.39 18.41
CA PHE B 50 -10.49 0.52 17.81
C PHE B 50 -10.55 1.86 18.51
N ALA B 51 -9.37 2.44 18.75
CA ALA B 51 -9.26 3.74 19.42
C ALA B 51 -9.16 4.82 18.35
N TYR B 52 -10.27 5.50 18.09
CA TYR B 52 -10.35 6.54 17.07
C TYR B 52 -9.95 7.90 17.63
N THR B 53 -9.62 8.84 16.73
CA THR B 53 -9.50 10.23 17.18
C THR B 53 -10.87 10.75 17.59
N ASP B 54 -10.86 11.77 18.45
CA ASP B 54 -12.08 12.53 18.70
C ASP B 54 -12.72 12.99 17.39
N ALA B 55 -11.91 13.43 16.43
CA ALA B 55 -12.44 13.95 15.18
C ALA B 55 -13.26 12.90 14.43
N ASN B 56 -12.72 11.70 14.23
N ASN B 56 -12.74 11.69 14.31
CA ASN B 56 -13.53 10.69 13.57
CA ASN B 56 -13.44 10.62 13.60
C ASN B 56 -14.80 10.39 14.36
C ASN B 56 -14.68 10.15 14.35
N LYS B 57 -14.68 10.23 15.69
CA LYS B 57 -15.87 9.89 16.46
C LYS B 57 -16.93 10.96 16.35
N ALA B 58 -16.50 12.23 16.31
CA ALA B 58 -17.45 13.33 16.29
C ALA B 58 -18.06 13.59 14.93
N LYS B 59 -17.49 13.05 13.84
CA LYS B 59 -17.97 13.42 12.51
C LYS B 59 -19.46 13.11 12.37
N GLY B 60 -19.89 11.93 12.78
CA GLY B 60 -21.31 11.65 12.98
C GLY B 60 -22.09 11.24 11.74
N ILE B 61 -21.43 11.07 10.59
CA ILE B 61 -22.10 10.67 9.36
C ILE B 61 -22.18 9.15 9.30
N THR B 62 -23.00 8.64 8.38
CA THR B 62 -23.11 7.21 8.10
C THR B 62 -22.32 6.89 6.85
N TRP B 63 -21.46 5.87 6.94
CA TRP B 63 -20.66 5.49 5.78
C TRP B 63 -21.50 4.77 4.75
N ASN B 64 -21.38 5.18 3.49
CA ASN B 64 -21.95 4.45 2.34
C ASN B 64 -21.25 4.93 1.07
N GLU B 65 -21.79 4.58 -0.09
CA GLU B 65 -21.18 4.96 -1.36
C GLU B 65 -20.91 6.45 -1.44
N ASP B 66 -21.90 7.27 -1.02
CA ASP B 66 -21.83 8.71 -1.22
C ASP B 66 -20.78 9.33 -0.32
N THR B 67 -20.78 8.97 0.97
CA THR B 67 -19.86 9.59 1.92
C THR B 67 -18.45 9.06 1.75
N LEU B 68 -18.32 7.77 1.45
CA LEU B 68 -17.01 7.23 1.09
C LEU B 68 -16.44 7.93 -0.15
N PHE B 69 -17.27 8.16 -1.17
CA PHE B 69 -16.77 8.76 -2.40
C PHE B 69 -16.18 10.14 -2.11
N GLU B 70 -16.79 10.88 -1.19
CA GLU B 70 -16.28 12.19 -0.85
C GLU B 70 -15.06 12.09 0.07
N TYR B 71 -15.17 11.27 1.11
CA TYR B 71 -14.06 11.06 2.03
C TYR B 71 -12.79 10.65 1.32
N LEU B 72 -12.89 9.64 0.45
CA LEU B 72 -11.67 9.05 -0.09
C LEU B 72 -10.99 9.96 -1.09
N GLU B 73 -11.69 10.99 -1.60
CA GLU B 73 -11.04 12.00 -2.45
C GLU B 73 -10.03 12.81 -1.65
N ASN B 74 -10.27 13.03 -0.37
CA ASN B 74 -9.43 13.88 0.46
C ASN B 74 -9.83 13.68 1.91
N PRO B 75 -9.29 12.68 2.58
CA PRO B 75 -9.76 12.34 3.94
C PRO B 75 -9.66 13.48 4.93
N LYS B 76 -8.55 14.22 4.96
CA LYS B 76 -8.41 15.26 5.97
C LYS B 76 -9.33 16.44 5.71
N LYS B 77 -9.74 16.68 4.47
CA LYS B 77 -10.74 17.70 4.23
C LYS B 77 -12.08 17.31 4.85
N TYR B 78 -12.43 16.04 4.73
CA TYR B 78 -13.74 15.58 5.22
C TYR B 78 -13.73 15.43 6.73
N ILE B 79 -12.62 14.99 7.32
CA ILE B 79 -12.53 14.80 8.77
C ILE B 79 -11.24 15.47 9.22
N PRO B 80 -11.24 16.80 9.40
CA PRO B 80 -10.01 17.48 9.82
C PRO B 80 -9.52 16.91 11.14
N GLY B 81 -8.23 16.62 11.20
CA GLY B 81 -7.65 16.03 12.39
C GLY B 81 -7.59 14.52 12.40
N THR B 82 -8.19 13.84 11.41
CA THR B 82 -8.14 12.39 11.39
C THR B 82 -6.68 11.91 11.38
N LYS B 83 -6.41 10.78 12.03
CA LYS B 83 -5.06 10.21 12.02
CA LYS B 83 -5.06 10.21 12.02
C LYS B 83 -4.86 9.22 10.88
N MET B 84 -5.81 9.12 9.95
CA MET B 84 -5.60 8.34 8.74
C MET B 84 -4.74 9.16 7.79
N ILE B 85 -3.55 8.63 7.48
CA ILE B 85 -2.56 9.31 6.63
C ILE B 85 -2.73 8.73 5.22
N PHE B 86 -3.46 9.47 4.38
CA PHE B 86 -3.74 9.02 3.01
C PHE B 86 -4.19 10.25 2.25
N ALA B 87 -3.43 10.63 1.23
CA ALA B 87 -3.70 11.90 0.56
C ALA B 87 -5.03 11.89 -0.19
N GLY B 88 -5.47 10.73 -0.69
CA GLY B 88 -6.74 10.61 -1.38
C GLY B 88 -6.60 9.96 -2.74
N LEU B 89 -7.69 9.37 -3.19
CA LEU B 89 -7.80 8.81 -4.54
C LEU B 89 -8.51 9.85 -5.40
N LYS B 90 -7.78 10.49 -6.30
CA LYS B 90 -8.39 11.59 -7.04
C LYS B 90 -9.31 11.11 -8.14
N LYS B 91 -9.04 9.95 -8.73
CA LYS B 91 -9.79 9.53 -9.91
C LYS B 91 -11.17 9.03 -9.49
N PRO B 92 -12.27 9.59 -10.03
CA PRO B 92 -13.60 9.11 -9.62
C PRO B 92 -13.81 7.64 -9.84
N ASN B 93 -13.24 7.04 -10.89
CA ASN B 93 -13.57 5.65 -11.15
C ASN B 93 -12.72 4.70 -10.32
N GLU B 94 -11.57 5.16 -9.85
CA GLU B 94 -10.86 4.40 -8.84
C GLU B 94 -11.65 4.40 -7.54
N ARG B 95 -12.21 5.54 -7.15
CA ARG B 95 -13.08 5.54 -5.98
C ARG B 95 -14.32 4.67 -6.20
N GLY B 96 -14.92 4.77 -7.38
CA GLY B 96 -16.10 3.97 -7.65
C GLY B 96 -15.83 2.48 -7.61
N ASP B 97 -14.72 2.05 -8.22
CA ASP B 97 -14.38 0.63 -8.22
C ASP B 97 -14.08 0.17 -6.80
N LEU B 98 -13.27 0.94 -6.06
CA LEU B 98 -12.96 0.59 -4.68
C LEU B 98 -14.22 0.48 -3.84
N ILE B 99 -15.14 1.44 -4.00
CA ILE B 99 -16.36 1.43 -3.19
C ILE B 99 -17.18 0.19 -3.49
N ALA B 100 -17.27 -0.19 -4.76
CA ALA B 100 -18.01 -1.41 -5.10
C ALA B 100 -17.37 -2.62 -4.44
N TYR B 101 -16.05 -2.67 -4.40
CA TYR B 101 -15.40 -3.78 -3.70
C TYR B 101 -15.72 -3.74 -2.22
N LEU B 102 -15.56 -2.57 -1.57
CA LEU B 102 -15.85 -2.49 -0.13
C LEU B 102 -17.27 -2.92 0.17
N LYS B 103 -18.23 -2.55 -0.68
CA LYS B 103 -19.63 -2.90 -0.48
C LYS B 103 -19.79 -4.41 -0.42
N SER B 104 -19.11 -5.13 -1.32
CA SER B 104 -19.20 -6.58 -1.33
C SER B 104 -18.41 -7.20 -0.17
N ALA B 105 -17.20 -6.70 0.08
CA ALA B 105 -16.29 -7.40 0.99
C ALA B 105 -16.56 -7.12 2.47
N THR B 106 -17.22 -6.03 2.81
CA THR B 106 -17.45 -5.70 4.21
C THR B 106 -18.83 -6.12 4.69
N LYS B 107 -19.59 -6.83 3.86
CA LYS B 107 -20.95 -7.18 4.19
C LYS B 107 -20.96 -8.25 5.28
FE HEC C . 10.25 1.70 -4.68
CHA HEC C . 12.93 2.69 -6.60
CHB HEC C . 11.74 -1.29 -4.12
CHC HEC C . 7.81 0.89 -2.42
CHD HEC C . 8.55 4.51 -5.57
NA HEC C . 12.00 0.86 -5.25
C1A HEC C . 13.00 1.42 -5.99
C2A HEC C . 14.10 0.53 -6.11
C3A HEC C . 13.71 -0.62 -5.43
C4A HEC C . 12.46 -0.35 -4.86
CMA HEC C . 14.54 -1.88 -5.24
CAA HEC C . 15.40 0.79 -6.89
CBA HEC C . 15.16 0.27 -8.30
CGA HEC C . 16.32 0.43 -9.27
O1A HEC C . 17.38 0.99 -8.92
O2A HEC C . 16.11 0.01 -10.45
NB HEC C . 9.87 0.14 -3.47
C1B HEC C . 10.46 -1.08 -3.59
C2B HEC C . 9.82 -2.03 -2.73
C3B HEC C . 8.76 -1.38 -2.12
C4B HEC C . 8.80 -0.04 -2.63
CMB HEC C . 10.25 -3.47 -2.62
CAB HEC C . 7.80 -1.90 -1.03
CBB HEC C . 8.52 -2.21 0.28
NC HEC C . 8.54 2.53 -4.09
C1C HEC C . 7.70 2.11 -3.11
C2C HEC C . 6.53 2.94 -3.00
C3C HEC C . 6.72 3.90 -3.98
C4C HEC C . 7.98 3.68 -4.60
CMC HEC C . 5.33 2.77 -2.11
CAC HEC C . 5.70 4.93 -4.45
CBC HEC C . 5.09 5.85 -3.39
ND HEC C . 10.66 3.32 -5.89
C1D HEC C . 9.84 4.38 -6.07
C2D HEC C . 10.50 5.33 -6.92
C3D HEC C . 11.69 4.75 -7.29
C4D HEC C . 11.82 3.54 -6.55
CMD HEC C . 9.92 6.60 -7.49
CAD HEC C . 12.80 5.45 -8.07
CBD HEC C . 13.71 6.23 -7.12
CGD HEC C . 14.70 7.21 -7.70
O1D HEC C . 14.82 7.30 -8.96
O2D HEC C . 15.36 7.89 -6.89
HHA HEC C . 13.72 3.01 -7.09
HHB HEC C . 12.16 -2.17 -3.96
HHC HEC C . 7.12 0.68 -1.74
HHD HEC C . 8.00 5.23 -5.93
HMA1 HEC C . 14.47 -2.18 -4.31
HMA2 HEC C . 15.48 -1.69 -5.44
HMA3 HEC C . 14.21 -2.59 -5.83
HAA1 HEC C . 16.14 0.32 -6.48
HAA2 HEC C . 15.59 1.74 -6.91
HBA1 HEC C . 14.40 0.75 -8.66
HBA2 HEC C . 14.95 -0.67 -8.24
HMB1 HEC C . 9.76 -4.01 -3.26
HMB2 HEC C . 10.09 -3.79 -1.72
HMB3 HEC C . 11.20 -3.53 -2.81
HAB HEC C . 7.13 -1.22 -0.86
HBB1 HEC C . 8.85 -1.39 0.65
HBB2 HEC C . 9.26 -2.81 0.09
HBB3 HEC C . 7.90 -2.63 0.88
HMC1 HEC C . 4.52 2.86 -2.64
HMC2 HEC C . 5.34 3.44 -1.42
HMC3 HEC C . 5.34 1.88 -1.71
HAC HEC C . 6.10 5.49 -5.12
HBC1 HEC C . 4.63 6.58 -3.84
HBC2 HEC C . 5.80 6.19 -2.83
HBC3 HEC C . 4.46 5.34 -2.86
HMD1 HEC C . 10.17 6.67 -8.44
HMD2 HEC C . 10.28 7.37 -7.01
HMD3 HEC C . 8.95 6.58 -7.41
HAD1 HEC C . 12.41 6.06 -8.71
HAD2 HEC C . 13.33 4.78 -8.54
HBD1 HEC C . 14.22 5.57 -6.62
HBD2 HEC C . 13.13 6.72 -6.51
C MOH D . 6.21 -15.65 -6.87
O MOH D . 6.20 -16.38 -5.66
H1 MOH D . 6.76 -14.76 -6.73
H2 MOH D . 5.22 -15.41 -7.16
H3 MOH D . 6.67 -16.23 -7.63
HO MOH D . 7.06 -16.78 -5.51
C1 EOH E . 17.48 12.34 1.91
C2 EOH E . 17.51 13.26 3.11
O EOH E . 16.34 12.62 1.10
H11 EOH E . 17.45 11.30 2.24
H12 EOH E . 18.39 12.48 1.32
H21 EOH E . 18.36 13.03 3.69
H22 EOH E . 16.63 13.12 3.68
H23 EOH E . 17.56 14.26 2.78
HO EOH E . 15.97 11.79 0.76
FE HEC F . -8.20 4.37 6.45
CHA HEC F . -10.11 5.44 9.12
CHB HEC F . -10.97 3.74 4.63
CHC HEC F . -6.27 3.93 3.61
CHD HEC F . -5.44 4.44 8.43
NA HEC F . -10.16 4.65 6.77
C1A HEC F . -10.76 5.03 7.96
C2A HEC F . -12.16 5.02 7.78
C3A HEC F . -12.43 4.59 6.47
C4A HEC F . -11.16 4.22 5.93
CMA HEC F . -13.79 4.39 5.87
CAA HEC F . -13.19 5.40 8.87
CBA HEC F . -13.62 4.17 9.67
CGA HEC F . -14.72 4.40 10.68
O1A HEC F . -15.17 5.58 10.85
O2A HEC F . -15.04 3.38 11.34
NB HEC F . -8.54 3.87 4.49
C1B HEC F . -9.76 3.62 3.96
C2B HEC F . -9.68 3.14 2.60
C3B HEC F . -8.31 3.21 2.30
C4B HEC F . -7.65 3.74 3.44
CMB HEC F . -10.79 2.57 1.75
CAB HEC F . -7.64 2.98 0.93
CBB HEC F . -8.10 4.05 -0.09
NC HEC F . -6.26 4.13 6.10
C1C HEC F . -5.63 4.03 4.87
C2C HEC F . -4.22 4.02 5.05
C3C HEC F . -4.00 4.06 6.43
C4C HEC F . -5.27 4.22 7.06
CMC HEC F . -3.23 3.71 3.97
CAC HEC F . -2.69 3.73 7.16
CBC HEC F . -1.49 4.57 6.67
ND HEC F . -7.89 4.76 8.44
C1D HEC F . -6.65 4.78 9.04
C2D HEC F . -6.77 5.19 10.41
C3D HEC F . -8.13 5.40 10.65
C4D HEC F . -8.78 5.17 9.39
CMD HEC F . -5.64 5.42 11.39
CAD HEC F . -8.74 6.03 11.90
CBD HEC F . -8.68 7.53 11.75
CGD HEC F . -8.98 8.28 13.03
O1D HEC F . -9.38 7.65 14.06
O2D HEC F . -8.94 9.52 12.90
HHA HEC F . -10.63 5.95 9.78
HHB HEC F . -11.79 3.47 4.15
HHC HEC F . -5.70 3.99 2.80
HHD HEC F . -4.65 4.36 9.00
HMA1 HEC F . -13.96 5.10 5.21
HMA2 HEC F . -14.47 4.41 6.57
HMA3 HEC F . -13.82 3.51 5.41
HAA1 HEC F . -13.97 5.78 8.45
HAA2 HEC F . -12.79 6.05 9.47
HBA1 HEC F . -12.83 3.84 10.15
HBA2 HEC F . -13.91 3.49 9.04
HMB1 HEC F . -10.40 2.04 1.03
HMB2 HEC F . -11.32 3.28 1.38
HMB3 HEC F . -11.35 1.98 2.30
HAB HEC F . -6.68 3.01 1.03
HBB1 HEC F . -7.69 4.90 0.13
HBB2 HEC F . -9.07 4.13 -0.05
HBB3 HEC F . -7.83 3.78 -0.98
HMC1 HEC F . -2.79 2.87 4.16
HMC2 HEC F . -2.56 4.41 3.91
HMC3 HEC F . -3.69 3.63 3.12
HAC HEC F . -2.82 3.86 8.10
HBC1 HEC F . -0.83 4.62 7.37
HBC2 HEC F . -1.79 5.46 6.44
HBC3 HEC F . -1.10 4.14 5.89
HMD1 HEC F . -6.01 5.46 12.29
HMD2 HEC F . -5.19 6.27 11.17
HMD3 HEC F . -5.00 4.69 11.33
HAD1 HEC F . -8.23 5.75 12.68
HAD2 HEC F . -9.66 5.73 12.00
HBD1 HEC F . -9.34 7.80 11.09
HBD2 HEC F . -7.80 7.77 11.45
C1 EOH G . -9.36 -9.16 5.07
C2 EOH G . -9.40 -9.60 6.51
O EOH G . -8.84 -7.84 4.94
H11 EOH G . -10.36 -9.19 4.65
H12 EOH G . -8.73 -9.85 4.50
H21 EOH G . -10.13 -9.03 7.02
H22 EOH G . -8.44 -9.45 6.95
H23 EOH G . -9.65 -10.63 6.56
HO EOH G . -8.86 -7.58 4.01
NA NA H . -26.46 3.94 3.98
#